data_4PBX
#
_entry.id   4PBX
#
_cell.length_a   198.780
_cell.length_b   198.780
_cell.length_c   132.400
_cell.angle_alpha   90.00
_cell.angle_beta   90.00
_cell.angle_gamma   120.00
#
_symmetry.space_group_name_H-M   'P 61 2 2'
#
loop_
_entity.id
_entity.type
_entity.pdbx_description
1 polymer 'Receptor-type tyrosine-protein phosphatase S'
2 non-polymer 2-acetamido-2-deoxy-beta-D-glucopyranose
#
_entity_poly.entity_id   1
_entity_poly.type   'polypeptide(L)'
_entity_poly.pdbx_seq_one_letter_code
;ETGEEPPRFIKEPKDQIGVSGGVASFVCQATGDPKPRVTWNKKGKKVNSQRFETIEFDESAGAVLRIQPLRTPRDENVYE
CVAQNSVGEITVHAKLTVLREDQLPSGFPNIDMGPQLKVVERTRTATMLCAASGNPDPEITWFKDFLPVDPSASNGRIKQ
LRSGALQIESSEETDQGKYECVATNSAGVRYSSPANLYVRVRRVAPRFSILPMSHEIMPGGNVNITCVAVGSPMPYVKWM
QGAEDLTPEDDMPVGRNVLELTDVKDSANYTCVAMSSLGVIEAVAQITVKSLPKAPGTPMVTENTATSITITWDSGNPDP
VSYYVIEYKSKSQDGPYQIKEDITTTRYSIGGLSPNSEYEIWVSAVNSIGQGPPSESVVTRTGEQAPASAPRNVQARMLS
ATTMIVQWEEPVEPNGLIRGYRVYYTMEPEHPVGNWQKHNVDDSLLTTVGSLLEDETYTVRVLAFTSVGDGPLSDPIQVK
TQQGVPGQPMNLRAEARSETSITLSWSPPRQESIIKYELLFREGDHGREVGRTFDPTTSYVVEDLKPNTEYAFRLAARSP
QGLGAFTPVVRQRTLGTKHHHHHH
;
_entity_poly.pdbx_strand_id   A
#
# COMPACT_ATOMS: atom_id res chain seq x y z
N PHE A 9 73.83 16.94 1.05
CA PHE A 9 73.63 15.70 1.86
C PHE A 9 72.61 15.90 2.99
N ILE A 10 71.40 15.39 2.80
CA ILE A 10 70.38 15.44 3.85
C ILE A 10 70.58 14.37 4.93
N LYS A 11 71.47 13.40 4.67
CA LYS A 11 71.91 12.44 5.69
C LYS A 11 73.41 12.18 5.56
N GLU A 12 74.10 12.17 6.71
CA GLU A 12 75.54 11.98 6.75
C GLU A 12 75.89 10.72 7.52
N PRO A 13 76.80 9.88 6.97
CA PRO A 13 77.16 8.61 7.62
C PRO A 13 78.04 8.81 8.86
N LYS A 14 77.63 8.19 9.97
CA LYS A 14 78.41 8.29 11.20
C LYS A 14 79.56 7.27 11.21
N ASP A 15 80.55 7.51 12.06
CA ASP A 15 81.57 6.51 12.34
C ASP A 15 80.89 5.42 13.14
N GLN A 16 81.26 4.16 12.90
CA GLN A 16 80.66 3.04 13.62
C GLN A 16 81.70 2.16 14.26
N ILE A 17 81.39 1.70 15.46
CA ILE A 17 82.18 0.67 16.12
C ILE A 17 81.32 -0.58 16.09
N GLY A 18 81.82 -1.63 15.44
CA GLY A 18 81.07 -2.87 15.25
C GLY A 18 81.76 -4.08 15.86
N VAL A 19 81.13 -5.23 15.70
CA VAL A 19 81.59 -6.48 16.30
C VAL A 19 82.03 -7.45 15.22
N SER A 20 83.04 -8.26 15.50
CA SER A 20 83.46 -9.31 14.59
C SER A 20 82.29 -10.27 14.38
N GLY A 21 82.05 -10.64 13.12
CA GLY A 21 80.93 -11.51 12.78
C GLY A 21 79.58 -10.82 12.74
N GLY A 22 79.54 -9.50 12.95
CA GLY A 22 78.30 -8.74 12.95
C GLY A 22 78.04 -8.04 11.62
N VAL A 23 77.27 -6.97 11.66
CA VAL A 23 76.93 -6.18 10.49
C VAL A 23 77.32 -4.72 10.68
N ALA A 24 77.43 -3.97 9.59
CA ALA A 24 77.62 -2.52 9.65
C ALA A 24 77.03 -1.82 8.43
N SER A 25 75.87 -1.18 8.61
CA SER A 25 75.25 -0.43 7.52
C SER A 25 75.58 1.05 7.64
N PHE A 26 76.13 1.62 6.56
CA PHE A 26 76.41 3.06 6.47
C PHE A 26 75.42 3.74 5.52
N VAL A 27 74.70 4.74 6.01
CA VAL A 27 73.67 5.42 5.23
C VAL A 27 74.17 6.77 4.70
N CYS A 28 73.87 7.05 3.43
CA CYS A 28 74.32 8.27 2.77
C CYS A 28 73.35 8.70 1.67
N GLN A 29 72.60 9.78 1.93
CA GLN A 29 71.65 10.31 0.94
C GLN A 29 71.97 11.76 0.59
N ALA A 30 71.69 12.12 -0.66
CA ALA A 30 71.95 13.46 -1.19
C ALA A 30 70.66 14.04 -1.78
N THR A 31 70.79 15.18 -2.48
CA THR A 31 69.64 15.83 -3.12
C THR A 31 70.11 16.90 -4.11
N GLY A 32 69.17 17.66 -4.65
CA GLY A 32 69.48 18.86 -5.44
C GLY A 32 68.92 18.88 -6.85
N ASP A 33 69.59 19.63 -7.72
CA ASP A 33 69.20 19.79 -9.11
C ASP A 33 70.46 20.09 -9.96
N PRO A 34 70.89 19.16 -10.81
CA PRO A 34 70.22 17.86 -11.05
C PRO A 34 70.36 16.87 -9.91
N LYS A 35 69.59 15.78 -9.98
CA LYS A 35 69.66 14.71 -8.99
C LYS A 35 70.93 13.89 -9.21
N PRO A 36 71.59 13.43 -8.13
CA PRO A 36 72.88 12.78 -8.26
C PRO A 36 72.82 11.24 -8.34
N ARG A 37 73.95 10.64 -8.70
CA ARG A 37 74.12 9.19 -8.67
C ARG A 37 75.27 8.83 -7.73
N VAL A 38 74.93 8.50 -6.49
CA VAL A 38 75.93 8.25 -5.45
C VAL A 38 76.68 6.92 -5.64
N THR A 39 77.81 6.79 -4.92
CA THR A 39 78.66 5.61 -4.99
C THR A 39 79.28 5.39 -3.60
N TRP A 40 79.96 4.27 -3.42
CA TRP A 40 80.77 4.05 -2.22
C TRP A 40 82.17 3.60 -2.63
N ASN A 41 83.19 4.34 -2.15
CA ASN A 41 84.58 4.07 -2.51
C ASN A 41 85.48 3.89 -1.29
N LYS A 42 86.50 3.04 -1.43
CA LYS A 42 87.47 2.77 -0.38
C LYS A 42 88.87 2.94 -0.95
N LYS A 43 89.60 3.94 -0.44
CA LYS A 43 90.94 4.32 -0.95
C LYS A 43 90.91 4.91 -2.37
N GLY A 44 89.78 5.49 -2.75
CA GLY A 44 89.64 6.14 -4.07
C GLY A 44 88.77 5.34 -5.02
N LYS A 45 89.25 4.17 -5.43
CA LYS A 45 88.52 3.29 -6.35
C LYS A 45 87.76 2.20 -5.59
N LYS A 46 86.57 1.87 -6.09
CA LYS A 46 85.67 0.93 -5.40
C LYS A 46 86.13 -0.53 -5.51
N VAL A 47 87.20 -0.86 -4.78
CA VAL A 47 87.75 -2.22 -4.77
C VAL A 47 86.77 -3.14 -4.01
N ASN A 48 85.87 -3.75 -4.78
CA ASN A 48 84.74 -4.51 -4.22
C ASN A 48 85.17 -5.87 -3.71
N SER A 49 84.33 -6.47 -2.86
CA SER A 49 84.59 -7.80 -2.30
C SER A 49 83.31 -8.60 -2.10
N GLN A 50 83.47 -9.86 -1.68
CA GLN A 50 82.37 -10.80 -1.54
C GLN A 50 81.38 -10.38 -0.45
N ARG A 51 81.91 -10.10 0.75
CA ARG A 51 81.10 -9.80 1.92
C ARG A 51 80.49 -8.40 1.90
N PHE A 52 81.00 -7.53 1.03
CA PHE A 52 80.49 -6.15 0.91
C PHE A 52 79.36 -6.12 -0.09
N GLU A 53 78.53 -5.07 0.00
CA GLU A 53 77.34 -4.96 -0.84
C GLU A 53 76.72 -3.57 -0.73
N THR A 54 76.25 -3.05 -1.86
CA THR A 54 75.55 -1.76 -1.89
C THR A 54 74.11 -1.97 -2.31
N ILE A 55 73.20 -1.27 -1.65
CA ILE A 55 71.77 -1.38 -1.92
C ILE A 55 71.25 0.02 -2.18
N GLU A 56 71.23 0.42 -3.44
CA GLU A 56 70.88 1.78 -3.82
C GLU A 56 69.38 2.00 -3.73
N PHE A 57 68.98 3.18 -3.27
CA PHE A 57 67.58 3.54 -3.15
C PHE A 57 67.30 4.94 -3.71
N ASP A 58 66.01 5.26 -3.88
CA ASP A 58 65.59 6.52 -4.48
C ASP A 58 66.27 6.74 -5.82
N GLU A 59 66.31 5.69 -6.64
CA GLU A 59 66.87 5.72 -7.99
C GLU A 59 68.32 6.18 -7.98
N SER A 60 69.13 5.52 -7.15
CA SER A 60 70.56 5.79 -6.99
C SER A 60 70.90 7.15 -6.34
N ALA A 61 69.91 7.79 -5.73
CA ALA A 61 70.12 9.11 -5.10
C ALA A 61 70.80 8.95 -3.73
N GLY A 62 70.26 8.04 -2.92
CA GLY A 62 70.91 7.62 -1.68
C GLY A 62 71.21 6.13 -1.76
N ALA A 63 72.27 5.70 -1.08
CA ALA A 63 72.68 4.29 -1.14
C ALA A 63 73.33 3.81 0.15
N VAL A 64 72.89 2.66 0.64
CA VAL A 64 73.46 2.05 1.84
C VAL A 64 74.63 1.14 1.48
N LEU A 65 75.68 1.21 2.29
CA LEU A 65 76.79 0.28 2.20
C LEU A 65 76.65 -0.71 3.36
N ARG A 66 76.70 -2.01 3.04
CA ARG A 66 76.50 -3.05 4.03
C ARG A 66 77.68 -4.01 4.03
N ILE A 67 78.10 -4.43 5.22
CA ILE A 67 79.27 -5.31 5.39
C ILE A 67 78.95 -6.40 6.39
N GLN A 68 79.25 -7.65 6.05
CA GLN A 68 78.83 -8.80 6.83
C GLN A 68 79.38 -10.12 6.27
N PRO A 69 79.97 -10.98 7.10
CA PRO A 69 80.23 -10.70 8.51
C PRO A 69 81.44 -9.79 8.65
N LEU A 70 81.46 -8.98 9.70
CA LEU A 70 82.55 -8.05 9.93
C LEU A 70 83.80 -8.81 10.34
N ARG A 71 84.95 -8.37 9.83
CA ARG A 71 86.24 -8.97 10.15
C ARG A 71 87.23 -7.88 10.53
N THR A 72 88.15 -8.22 11.43
CA THR A 72 89.20 -7.30 11.84
C THR A 72 90.57 -7.93 11.59
N PRO A 73 91.53 -7.19 11.04
CA PRO A 73 91.41 -5.75 10.73
C PRO A 73 90.98 -5.44 9.29
N ARG A 74 90.66 -6.46 8.50
CA ARG A 74 90.31 -6.28 7.08
C ARG A 74 89.45 -5.05 6.81
N ASP A 75 88.30 -4.98 7.47
CA ASP A 75 87.25 -4.03 7.12
C ASP A 75 87.40 -2.65 7.75
N GLU A 76 88.38 -2.49 8.63
CA GLU A 76 88.56 -1.22 9.35
C GLU A 76 89.20 -0.14 8.46
N ASN A 77 88.34 0.64 7.80
CA ASN A 77 88.78 1.71 6.90
C ASN A 77 87.87 2.94 6.98
N VAL A 78 88.31 4.01 6.34
CA VAL A 78 87.46 5.18 6.09
C VAL A 78 86.85 5.00 4.71
N TYR A 79 85.55 5.20 4.61
CA TYR A 79 84.84 4.97 3.36
C TYR A 79 84.27 6.28 2.81
N GLU A 80 84.29 6.40 1.49
CA GLU A 80 83.95 7.64 0.79
C GLU A 80 82.61 7.49 0.08
N CYS A 81 81.65 8.37 0.42
CA CYS A 81 80.39 8.42 -0.30
C CYS A 81 80.45 9.52 -1.36
N VAL A 82 80.58 9.10 -2.62
CA VAL A 82 80.64 10.04 -3.74
C VAL A 82 79.22 10.56 -4.04
N ALA A 83 79.14 11.82 -4.43
CA ALA A 83 77.87 12.44 -4.82
C ALA A 83 78.13 13.57 -5.82
N GLN A 84 77.52 13.45 -7.01
CA GLN A 84 77.75 14.41 -8.08
C GLN A 84 76.53 14.55 -8.99
N ASN A 85 76.29 15.78 -9.42
CA ASN A 85 75.32 16.08 -10.48
C ASN A 85 76.04 16.90 -11.55
N SER A 86 75.31 17.49 -12.49
CA SER A 86 75.93 18.34 -13.51
C SER A 86 76.72 19.49 -12.89
N VAL A 87 76.16 20.08 -11.83
CA VAL A 87 76.77 21.23 -11.16
C VAL A 87 77.11 20.93 -9.69
N GLY A 88 78.31 20.41 -9.46
CA GLY A 88 78.84 20.19 -8.10
C GLY A 88 79.20 18.76 -7.78
N GLU A 89 80.22 18.59 -6.94
CA GLU A 89 80.67 17.28 -6.45
C GLU A 89 81.31 17.40 -5.07
N ILE A 90 80.75 16.70 -4.09
CA ILE A 90 81.27 16.72 -2.72
C ILE A 90 81.23 15.33 -2.06
N THR A 91 82.35 14.93 -1.48
CA THR A 91 82.48 13.66 -0.78
C THR A 91 82.11 13.83 0.68
N VAL A 92 81.73 12.73 1.32
CA VAL A 92 81.63 12.67 2.79
C VAL A 92 82.20 11.33 3.25
N HIS A 93 82.85 11.34 4.42
CA HIS A 93 83.60 10.18 4.91
C HIS A 93 82.98 9.58 6.17
N ALA A 94 83.41 8.38 6.51
CA ALA A 94 82.99 7.69 7.74
C ALA A 94 83.91 6.49 8.00
N LYS A 95 84.29 6.30 9.26
CA LYS A 95 85.19 5.22 9.64
C LYS A 95 84.44 4.04 10.24
N LEU A 96 85.02 2.84 10.10
CA LEU A 96 84.51 1.64 10.73
C LEU A 96 85.59 1.05 11.63
N THR A 97 85.24 0.84 12.89
CA THR A 97 86.08 0.08 13.80
C THR A 97 85.39 -1.25 14.05
N VAL A 98 86.17 -2.31 14.17
CA VAL A 98 85.63 -3.65 14.35
C VAL A 98 86.34 -4.38 15.47
N LEU A 99 85.62 -4.60 16.56
CA LEU A 99 86.17 -5.24 17.75
C LEU A 99 85.71 -6.70 17.81
N ARG A 100 86.49 -7.53 18.50
CA ARG A 100 86.07 -8.88 18.82
C ARG A 100 85.21 -8.87 20.09
N GLU A 101 84.42 -9.92 20.28
CA GLU A 101 83.55 -10.04 21.45
C GLU A 101 84.34 -9.92 22.75
N ASP A 102 85.46 -10.65 22.82
CA ASP A 102 86.29 -10.69 24.02
C ASP A 102 86.91 -9.35 24.41
N GLN A 103 86.83 -8.35 23.54
CA GLN A 103 87.38 -7.02 23.83
C GLN A 103 86.32 -5.92 23.73
N LEU A 104 85.12 -6.21 24.23
CA LEU A 104 84.02 -5.25 24.24
C LEU A 104 83.80 -4.74 25.65
N PRO A 105 83.54 -3.43 25.81
CA PRO A 105 83.21 -2.97 27.15
C PRO A 105 81.93 -3.64 27.68
N SER A 106 81.77 -3.65 29.00
CA SER A 106 80.58 -4.21 29.64
C SER A 106 79.31 -3.54 29.13
N GLY A 107 79.39 -2.24 28.88
CA GLY A 107 78.24 -1.46 28.45
C GLY A 107 77.87 -1.59 26.99
N PHE A 108 78.66 -2.35 26.21
CA PHE A 108 78.39 -2.52 24.78
C PHE A 108 77.00 -3.09 24.56
N PRO A 109 76.22 -2.50 23.64
CA PRO A 109 74.85 -2.95 23.42
C PRO A 109 74.75 -4.45 23.25
N ASN A 110 73.65 -5.02 23.73
CA ASN A 110 73.38 -6.43 23.58
C ASN A 110 71.89 -6.60 23.35
N ILE A 111 71.55 -7.44 22.37
CA ILE A 111 70.16 -7.70 22.06
C ILE A 111 69.66 -8.81 22.97
N ASP A 112 68.81 -8.43 23.93
CA ASP A 112 68.26 -9.36 24.90
C ASP A 112 67.18 -10.22 24.25
N MET A 113 66.36 -9.58 23.42
CA MET A 113 65.44 -10.31 22.55
C MET A 113 65.22 -9.54 21.25
N GLY A 114 65.60 -10.16 20.14
CA GLY A 114 65.40 -9.57 18.82
C GLY A 114 64.03 -9.92 18.29
N PRO A 115 63.70 -9.44 17.07
CA PRO A 115 62.38 -9.71 16.54
C PRO A 115 62.14 -11.19 16.30
N GLN A 116 60.88 -11.56 16.16
CA GLN A 116 60.50 -12.92 15.88
C GLN A 116 59.82 -12.97 14.54
N LEU A 117 59.85 -14.14 13.92
CA LEU A 117 59.06 -14.41 12.73
C LEU A 117 57.61 -14.07 13.05
N LYS A 118 57.02 -13.21 12.23
CA LYS A 118 55.68 -12.69 12.47
C LYS A 118 54.79 -12.86 11.24
N VAL A 119 53.54 -13.25 11.46
CA VAL A 119 52.55 -13.30 10.39
C VAL A 119 51.34 -12.49 10.82
N VAL A 120 50.74 -11.77 9.87
CA VAL A 120 49.64 -10.87 10.18
C VAL A 120 48.85 -10.55 8.91
N GLU A 121 47.57 -10.20 9.07
CA GLU A 121 46.71 -9.87 7.93
C GLU A 121 46.66 -8.38 7.67
N ARG A 122 46.37 -8.02 6.42
CA ARG A 122 46.45 -6.63 5.96
C ARG A 122 45.58 -5.69 6.82
N THR A 123 46.07 -4.46 6.99
CA THR A 123 45.45 -3.41 7.84
C THR A 123 45.50 -3.66 9.35
N ARG A 124 45.49 -4.92 9.80
CA ARG A 124 45.75 -5.21 11.21
C ARG A 124 47.21 -4.88 11.54
N THR A 125 47.46 -4.53 12.79
CA THR A 125 48.75 -3.96 13.18
C THR A 125 49.79 -5.04 13.48
N ALA A 126 51.07 -4.67 13.40
CA ALA A 126 52.18 -5.59 13.66
C ALA A 126 53.24 -4.97 14.56
N THR A 127 53.47 -5.58 15.72
CA THR A 127 54.46 -5.10 16.67
C THR A 127 55.70 -5.98 16.59
N MET A 128 56.78 -5.48 15.96
CA MET A 128 58.03 -6.23 15.82
C MET A 128 58.92 -5.96 17.02
N LEU A 129 59.22 -7.01 17.80
CA LEU A 129 59.93 -6.87 19.06
C LEU A 129 61.42 -6.60 18.89
N CYS A 130 61.97 -5.86 19.85
CA CYS A 130 63.41 -5.67 19.97
C CYS A 130 63.73 -5.12 21.35
N ALA A 131 64.49 -5.87 22.15
CA ALA A 131 64.84 -5.45 23.50
C ALA A 131 66.35 -5.51 23.69
N ALA A 132 66.94 -4.39 24.11
CA ALA A 132 68.39 -4.27 24.23
C ALA A 132 68.82 -3.75 25.62
N SER A 133 70.12 -3.74 25.86
CA SER A 133 70.68 -3.31 27.14
C SER A 133 72.10 -2.79 26.96
N GLY A 134 72.46 -1.78 27.75
CA GLY A 134 73.83 -1.23 27.73
C GLY A 134 73.97 0.10 28.43
N ASN A 135 75.22 0.57 28.56
CA ASN A 135 75.56 1.83 29.28
C ASN A 135 76.30 2.82 28.37
N PRO A 136 75.67 3.93 27.97
CA PRO A 136 74.29 4.28 28.31
C PRO A 136 73.29 3.43 27.53
N ASP A 137 72.01 3.58 27.86
CA ASP A 137 70.97 2.82 27.18
C ASP A 137 70.98 3.11 25.69
N PRO A 138 70.91 2.05 24.86
CA PRO A 138 71.05 2.17 23.41
C PRO A 138 69.77 2.60 22.70
N GLU A 139 69.90 3.53 21.74
CA GLU A 139 68.78 3.93 20.90
C GLU A 139 68.65 2.95 19.72
N ILE A 140 67.41 2.50 19.49
CA ILE A 140 67.12 1.41 18.54
C ILE A 140 66.86 1.95 17.13
N THR A 141 67.41 1.25 16.14
CA THR A 141 67.14 1.53 14.73
C THR A 141 66.71 0.24 14.05
N TRP A 142 65.93 0.36 12.98
CA TRP A 142 65.44 -0.79 12.24
C TRP A 142 65.86 -0.74 10.78
N PHE A 143 66.27 -1.89 10.26
CA PHE A 143 66.53 -2.05 8.83
C PHE A 143 65.61 -3.13 8.26
N LYS A 144 65.05 -2.86 7.09
CA LYS A 144 64.14 -3.79 6.43
C LYS A 144 64.59 -4.04 4.99
N ASP A 145 64.94 -5.28 4.70
CA ASP A 145 65.55 -5.64 3.42
C ASP A 145 66.78 -4.76 3.19
N PHE A 146 67.61 -4.68 4.22
CA PHE A 146 68.88 -3.96 4.20
C PHE A 146 68.79 -2.43 4.08
N LEU A 147 67.59 -1.87 4.22
CA LEU A 147 67.39 -0.42 4.15
C LEU A 147 66.78 0.11 5.44
N PRO A 148 67.26 1.26 5.93
CA PRO A 148 66.76 1.79 7.20
C PRO A 148 65.32 2.25 7.10
N VAL A 149 64.60 2.19 8.22
CA VAL A 149 63.19 2.55 8.27
C VAL A 149 63.03 3.87 9.02
N ASP A 150 62.24 4.78 8.44
CA ASP A 150 62.04 6.12 9.00
C ASP A 150 60.57 6.28 9.41
N PRO A 151 60.28 6.24 10.72
CA PRO A 151 58.90 6.38 11.21
C PRO A 151 58.21 7.71 10.84
N SER A 152 59.00 8.76 10.62
CA SER A 152 58.47 10.04 10.17
C SER A 152 57.75 9.92 8.82
N ALA A 153 58.41 9.27 7.86
CA ALA A 153 57.90 9.17 6.49
C ALA A 153 56.66 8.29 6.34
N SER A 154 56.18 7.69 7.43
CA SER A 154 55.06 6.75 7.39
C SER A 154 53.67 7.37 7.64
N ASN A 155 53.63 8.68 7.89
CA ASN A 155 52.39 9.39 8.29
C ASN A 155 51.99 9.11 9.74
N GLY A 156 52.97 8.81 10.59
CA GLY A 156 52.69 8.42 11.97
C GLY A 156 52.05 7.04 12.12
N ARG A 157 52.07 6.26 11.04
CA ARG A 157 51.53 4.91 11.02
C ARG A 157 52.52 3.99 11.73
N ILE A 158 53.78 4.09 11.32
CA ILE A 158 54.88 3.37 11.94
C ILE A 158 55.47 4.25 13.04
N LYS A 159 55.78 3.66 14.20
CA LYS A 159 56.40 4.41 15.29
C LYS A 159 57.25 3.56 16.23
N GLN A 160 58.39 4.11 16.64
CA GLN A 160 59.30 3.44 17.57
C GLN A 160 58.87 3.68 19.01
N LEU A 161 58.90 2.61 19.82
CA LEU A 161 58.47 2.68 21.23
C LEU A 161 59.68 2.70 22.14
N ARG A 162 59.62 3.50 23.20
CA ARG A 162 60.71 3.55 24.18
C ARG A 162 61.02 2.17 24.72
N SER A 163 59.97 1.38 24.98
CA SER A 163 60.13 0.03 25.50
C SER A 163 60.91 -0.90 24.55
N GLY A 164 60.89 -0.60 23.25
CA GLY A 164 61.78 -1.28 22.31
C GLY A 164 61.21 -1.56 20.93
N ALA A 165 60.00 -2.10 20.87
CA ALA A 165 59.43 -2.59 19.62
C ALA A 165 59.13 -1.52 18.57
N LEU A 166 58.95 -1.98 17.34
CA LEU A 166 58.53 -1.16 16.21
C LEU A 166 57.11 -1.54 15.85
N GLN A 167 56.22 -0.55 15.76
CA GLN A 167 54.80 -0.81 15.57
C GLN A 167 54.31 -0.36 14.20
N ILE A 168 53.68 -1.29 13.47
CA ILE A 168 53.09 -1.01 12.17
C ILE A 168 51.58 -0.94 12.34
N GLU A 169 51.01 0.27 12.37
CA GLU A 169 49.58 0.46 12.67
C GLU A 169 48.64 -0.18 11.65
N SER A 170 48.97 -0.08 10.37
CA SER A 170 48.12 -0.64 9.33
C SER A 170 48.98 -1.39 8.32
N SER A 171 48.85 -2.71 8.32
CA SER A 171 49.67 -3.57 7.47
C SER A 171 49.34 -3.37 6.00
N GLU A 172 50.36 -3.53 5.16
CA GLU A 172 50.25 -3.43 3.71
C GLU A 172 51.21 -4.45 3.09
N GLU A 173 50.93 -4.91 1.87
CA GLU A 173 51.80 -5.90 1.22
C GLU A 173 53.27 -5.45 1.20
N THR A 174 53.48 -4.13 1.04
CA THR A 174 54.83 -3.55 1.02
C THR A 174 55.61 -3.74 2.32
N ASP A 175 54.90 -3.80 3.45
CA ASP A 175 55.51 -3.98 4.77
C ASP A 175 56.19 -5.34 4.97
N GLN A 176 55.95 -6.29 4.07
CA GLN A 176 56.66 -7.58 4.10
C GLN A 176 58.14 -7.41 3.91
N GLY A 177 58.93 -8.22 4.60
CA GLY A 177 60.39 -8.25 4.41
C GLY A 177 61.17 -8.84 5.56
N LYS A 178 62.49 -8.94 5.38
CA LYS A 178 63.41 -9.24 6.48
C LYS A 178 63.54 -7.99 7.34
N TYR A 179 63.50 -8.14 8.65
CA TYR A 179 63.64 -7.01 9.56
C TYR A 179 64.82 -7.24 10.48
N GLU A 180 65.59 -6.19 10.72
CA GLU A 180 66.73 -6.23 11.62
C GLU A 180 66.66 -5.05 12.55
N CYS A 181 66.75 -5.31 13.85
CA CYS A 181 66.78 -4.23 14.84
C CYS A 181 68.22 -4.02 15.29
N VAL A 182 68.55 -2.77 15.61
CA VAL A 182 69.94 -2.35 15.79
C VAL A 182 70.13 -1.45 17.00
N ALA A 183 70.88 -1.93 17.99
CA ALA A 183 71.09 -1.20 19.25
C ALA A 183 72.38 -0.37 19.23
N THR A 184 72.22 0.96 19.18
CA THR A 184 73.36 1.88 19.00
C THR A 184 73.63 2.75 20.24
N ASN A 185 74.89 2.81 20.66
CA ASN A 185 75.30 3.77 21.72
C ASN A 185 76.76 4.21 21.58
N SER A 186 77.24 5.01 22.52
CA SER A 186 78.61 5.53 22.47
C SER A 186 79.68 4.44 22.29
N ALA A 187 79.43 3.26 22.85
CA ALA A 187 80.31 2.11 22.69
C ALA A 187 80.33 1.60 21.25
N GLY A 188 79.16 1.46 20.65
CA GLY A 188 79.06 0.98 19.27
C GLY A 188 77.70 0.40 18.92
N VAL A 189 77.70 -0.51 17.96
CA VAL A 189 76.46 -1.02 17.36
C VAL A 189 76.38 -2.53 17.48
N ARG A 190 75.16 -3.04 17.61
CA ARG A 190 74.91 -4.48 17.60
C ARG A 190 73.58 -4.76 16.89
N TYR A 191 73.62 -5.69 15.93
CA TYR A 191 72.43 -6.10 15.19
C TYR A 191 71.78 -7.30 15.83
N SER A 192 70.49 -7.45 15.59
CA SER A 192 69.76 -8.65 15.98
C SER A 192 69.77 -9.61 14.81
N SER A 193 69.44 -10.87 15.08
CA SER A 193 69.19 -11.81 13.99
C SER A 193 67.98 -11.29 13.21
N PRO A 194 67.93 -11.60 11.91
CA PRO A 194 66.84 -11.10 11.11
C PRO A 194 65.61 -11.91 11.37
N ALA A 195 64.45 -11.34 11.07
CA ALA A 195 63.18 -12.03 11.22
C ALA A 195 62.19 -11.48 10.22
N ASN A 196 61.47 -12.38 9.56
CA ASN A 196 60.56 -11.98 8.51
C ASN A 196 59.21 -11.58 9.04
N LEU A 197 58.61 -10.61 8.37
CA LEU A 197 57.22 -10.25 8.60
C LEU A 197 56.48 -10.56 7.34
N TYR A 198 55.47 -11.43 7.43
CA TYR A 198 54.58 -11.71 6.32
C TYR A 198 53.26 -10.98 6.55
N VAL A 199 52.66 -10.54 5.45
CA VAL A 199 51.41 -9.79 5.48
C VAL A 199 50.50 -10.51 4.51
N ARG A 200 49.70 -11.43 5.06
CA ARG A 200 48.90 -12.35 4.25
C ARG A 200 47.65 -11.64 3.75
N VAL A 201 47.30 -11.94 2.50
CA VAL A 201 46.12 -11.38 1.86
C VAL A 201 45.10 -12.49 1.70
N ARG A 202 44.15 -12.57 2.62
CA ARG A 202 43.09 -13.59 2.55
C ARG A 202 42.16 -13.28 1.38
N ARG A 203 41.95 -14.26 0.52
CA ARG A 203 41.06 -14.10 -0.64
C ARG A 203 39.67 -14.59 -0.30
N VAL A 204 38.73 -13.66 -0.12
CA VAL A 204 37.33 -13.98 0.21
C VAL A 204 36.40 -13.23 -0.72
N ALA A 205 35.70 -13.98 -1.57
CA ALA A 205 34.73 -13.40 -2.51
C ALA A 205 33.58 -12.74 -1.75
N PRO A 206 32.92 -11.74 -2.36
CA PRO A 206 31.97 -10.92 -1.61
C PRO A 206 30.65 -11.62 -1.25
N ARG A 207 30.04 -11.17 -0.15
CA ARG A 207 28.69 -11.59 0.25
C ARG A 207 27.97 -10.39 0.88
N PHE A 208 26.66 -10.50 1.07
CA PHE A 208 25.89 -9.41 1.65
C PHE A 208 25.79 -9.56 3.16
N SER A 209 26.16 -8.51 3.89
CA SER A 209 25.93 -8.47 5.34
C SER A 209 24.44 -8.24 5.60
N ILE A 210 23.92 -7.15 5.03
CA ILE A 210 22.50 -6.87 5.04
C ILE A 210 22.02 -6.84 3.59
N LEU A 211 20.97 -7.60 3.32
CA LEU A 211 20.39 -7.64 1.99
C LEU A 211 19.54 -6.41 1.75
N PRO A 212 19.33 -6.04 0.47
CA PRO A 212 18.39 -4.99 0.16
C PRO A 212 16.98 -5.51 0.39
N MET A 213 16.16 -4.73 1.07
CA MET A 213 14.88 -5.20 1.58
C MET A 213 13.71 -4.64 0.76
N SER A 214 12.85 -5.54 0.29
CA SER A 214 11.63 -5.16 -0.43
C SER A 214 10.65 -4.44 0.50
N HIS A 215 9.83 -3.58 -0.07
CA HIS A 215 8.85 -2.83 0.71
C HIS A 215 7.55 -2.65 -0.04
N GLU A 216 6.51 -2.33 0.73
CA GLU A 216 5.27 -1.82 0.18
C GLU A 216 5.06 -0.45 0.83
N ILE A 217 4.89 0.58 0.01
CA ILE A 217 4.66 1.95 0.49
C ILE A 217 3.42 2.56 -0.16
N MET A 218 2.98 3.69 0.38
CA MET A 218 1.87 4.44 -0.20
C MET A 218 2.42 5.20 -1.39
N PRO A 219 1.54 5.75 -2.24
CA PRO A 219 2.03 6.61 -3.31
C PRO A 219 2.65 7.91 -2.77
N GLY A 220 3.97 8.03 -2.89
CA GLY A 220 4.72 9.21 -2.42
C GLY A 220 4.61 9.51 -0.93
N GLY A 221 5.10 8.63 -0.06
CA GLY A 221 5.78 7.38 -0.44
C GLY A 221 7.28 7.57 -0.56
N ASN A 222 8.00 7.17 0.49
CA ASN A 222 9.46 7.34 0.53
C ASN A 222 10.14 6.33 1.47
N VAL A 223 11.20 5.69 0.97
CA VAL A 223 11.84 4.59 1.68
C VAL A 223 13.34 4.53 1.39
N ASN A 224 14.11 4.17 2.43
CA ASN A 224 15.56 4.02 2.33
C ASN A 224 15.93 2.54 2.20
N ILE A 225 16.48 2.15 1.05
CA ILE A 225 16.92 0.76 0.85
C ILE A 225 18.39 0.64 1.21
N THR A 226 18.68 -0.05 2.31
CA THR A 226 20.05 -0.27 2.77
C THR A 226 20.63 -1.54 2.17
N CYS A 227 21.92 -1.49 1.80
CA CYS A 227 22.60 -2.65 1.22
C CYS A 227 24.05 -2.69 1.67
N VAL A 228 24.39 -3.69 2.48
CA VAL A 228 25.74 -3.85 3.01
C VAL A 228 26.38 -5.12 2.46
N ALA A 229 27.59 -5.01 1.92
CA ALA A 229 28.29 -6.15 1.35
C ALA A 229 29.77 -6.17 1.77
N VAL A 230 30.23 -7.33 2.23
CA VAL A 230 31.60 -7.49 2.75
C VAL A 230 32.38 -8.55 1.98
N GLY A 231 33.70 -8.52 2.14
CA GLY A 231 34.58 -9.48 1.48
C GLY A 231 36.03 -9.06 1.61
N SER A 232 36.87 -9.55 0.70
CA SER A 232 38.29 -9.17 0.64
C SER A 232 38.88 -9.54 -0.73
N PRO A 233 39.08 -8.56 -1.62
CA PRO A 233 38.89 -7.13 -1.35
C PRO A 233 37.46 -6.69 -0.99
N MET A 234 37.37 -5.76 -0.04
CA MET A 234 36.10 -5.18 0.41
C MET A 234 35.37 -4.56 -0.77
N PRO A 235 34.18 -5.08 -1.11
CA PRO A 235 33.54 -4.76 -2.40
C PRO A 235 32.83 -3.40 -2.45
N TYR A 236 32.85 -2.76 -3.62
CA TYR A 236 32.09 -1.53 -3.84
C TYR A 236 30.60 -1.83 -3.98
N VAL A 237 29.77 -0.88 -3.54
CA VAL A 237 28.32 -1.07 -3.52
C VAL A 237 27.62 0.05 -4.30
N LYS A 238 27.02 -0.30 -5.44
CA LYS A 238 26.22 0.64 -6.24
C LYS A 238 24.82 0.09 -6.52
N TRP A 239 23.94 0.97 -7.00
CA TRP A 239 22.55 0.62 -7.29
C TRP A 239 22.25 0.61 -8.78
N MET A 240 21.35 -0.29 -9.20
CA MET A 240 20.89 -0.36 -10.58
C MET A 240 19.38 -0.46 -10.66
N GLN A 241 18.81 0.15 -11.71
CA GLN A 241 17.41 -0.06 -12.06
C GLN A 241 17.38 -0.72 -13.44
N GLY A 242 17.24 -2.05 -13.46
CA GLY A 242 17.33 -2.82 -14.69
C GLY A 242 18.77 -2.90 -15.19
N ALA A 243 19.05 -2.20 -16.30
CA ALA A 243 20.37 -2.22 -16.92
C ALA A 243 21.21 -0.97 -16.64
N GLU A 244 20.61 0.05 -16.03
CA GLU A 244 21.30 1.33 -15.79
C GLU A 244 21.63 1.54 -14.31
N ASP A 245 22.81 2.10 -14.03
CA ASP A 245 23.24 2.40 -12.66
C ASP A 245 22.74 3.78 -12.21
N LEU A 246 22.69 3.98 -10.90
CA LEU A 246 22.15 5.20 -10.30
C LEU A 246 23.17 5.96 -9.45
N THR A 247 23.96 5.23 -8.66
CA THR A 247 25.06 5.82 -7.89
C THR A 247 26.25 6.10 -8.82
N PRO A 248 26.86 7.31 -8.71
CA PRO A 248 28.04 7.66 -9.52
C PRO A 248 29.36 7.14 -8.92
N GLU A 249 30.48 7.51 -9.56
CA GLU A 249 31.80 7.02 -9.17
C GLU A 249 32.77 8.14 -8.73
N ASP A 250 32.21 9.28 -8.29
CA ASP A 250 33.01 10.39 -7.76
C ASP A 250 33.39 10.11 -6.31
N ASP A 251 32.40 9.70 -5.52
CA ASP A 251 32.61 9.22 -4.16
C ASP A 251 31.67 8.05 -3.88
N MET A 252 31.86 6.98 -4.64
CA MET A 252 31.10 5.74 -4.48
C MET A 252 31.56 5.05 -3.20
N PRO A 253 30.63 4.80 -2.26
CA PRO A 253 31.02 4.18 -0.99
C PRO A 253 31.35 2.70 -1.13
N VAL A 254 32.03 2.16 -0.12
CA VAL A 254 32.46 0.76 -0.10
C VAL A 254 31.90 0.09 1.15
N GLY A 255 31.41 -1.13 1.00
CA GLY A 255 30.78 -1.84 2.11
C GLY A 255 29.30 -1.55 2.25
N ARG A 256 28.97 -0.26 2.35
CA ARG A 256 27.59 0.21 2.56
C ARG A 256 27.15 1.14 1.43
N ASN A 257 25.85 1.17 1.17
CA ASN A 257 25.25 2.12 0.23
C ASN A 257 23.73 2.15 0.39
N VAL A 258 23.24 3.21 1.05
CA VAL A 258 21.80 3.40 1.24
C VAL A 258 21.22 4.19 0.05
N LEU A 259 20.01 3.83 -0.34
CA LEU A 259 19.29 4.51 -1.42
C LEU A 259 18.00 5.11 -0.86
N GLU A 260 18.03 6.43 -0.63
CA GLU A 260 16.88 7.15 -0.09
C GLU A 260 15.96 7.59 -1.23
N LEU A 261 14.89 6.83 -1.45
CA LEU A 261 13.88 7.17 -2.46
C LEU A 261 12.85 8.12 -1.86
N THR A 262 12.37 9.06 -2.68
CA THR A 262 11.33 10.01 -2.26
C THR A 262 10.29 10.21 -3.36
N ASP A 263 9.04 10.42 -2.94
CA ASP A 263 7.90 10.59 -3.84
C ASP A 263 7.81 9.47 -4.88
N VAL A 264 7.56 8.25 -4.41
CA VAL A 264 7.40 7.12 -5.29
C VAL A 264 5.93 7.00 -5.70
N LYS A 265 5.71 6.65 -6.96
CA LYS A 265 4.36 6.48 -7.52
C LYS A 265 4.23 5.15 -8.26
N ASP A 266 5.22 4.82 -9.09
CA ASP A 266 5.22 3.56 -9.83
C ASP A 266 6.01 2.50 -9.07
N SER A 267 5.47 1.28 -9.05
CA SER A 267 6.19 0.14 -8.48
C SER A 267 7.36 -0.24 -9.37
N ALA A 268 8.58 -0.05 -8.86
CA ALA A 268 9.80 -0.39 -9.59
C ALA A 268 10.70 -1.31 -8.76
N ASN A 269 11.46 -2.15 -9.45
CA ASN A 269 12.46 -3.01 -8.82
C ASN A 269 13.82 -2.30 -8.77
N TYR A 270 14.70 -2.79 -7.91
CA TYR A 270 16.03 -2.22 -7.73
C TYR A 270 17.05 -3.31 -7.41
N THR A 271 18.22 -3.24 -8.06
CA THR A 271 19.29 -4.21 -7.84
C THR A 271 20.48 -3.55 -7.12
N CYS A 272 20.92 -4.17 -6.03
CA CYS A 272 22.17 -3.80 -5.39
C CYS A 272 23.28 -4.62 -6.03
N VAL A 273 24.34 -3.93 -6.47
CA VAL A 273 25.47 -4.58 -7.15
C VAL A 273 26.74 -4.50 -6.29
N ALA A 274 27.04 -5.60 -5.62
CA ALA A 274 28.31 -5.77 -4.92
C ALA A 274 29.34 -6.20 -5.95
N MET A 275 30.46 -5.47 -6.02
CA MET A 275 31.50 -5.72 -7.01
C MET A 275 32.90 -5.55 -6.46
N SER A 276 33.78 -6.50 -6.79
CA SER A 276 35.21 -6.42 -6.52
C SER A 276 35.99 -7.15 -7.62
N SER A 277 37.32 -7.16 -7.50
CA SER A 277 38.16 -7.87 -8.47
C SER A 277 38.02 -9.39 -8.40
N LEU A 278 37.58 -9.90 -7.24
CA LEU A 278 37.37 -11.34 -7.05
C LEU A 278 36.05 -11.82 -7.67
N GLY A 279 35.02 -10.98 -7.61
CA GLY A 279 33.72 -11.34 -8.20
C GLY A 279 32.61 -10.33 -7.98
N VAL A 280 31.49 -10.57 -8.66
CA VAL A 280 30.30 -9.72 -8.55
C VAL A 280 29.10 -10.58 -8.19
N ILE A 281 28.26 -10.07 -7.29
CA ILE A 281 26.96 -10.67 -6.98
C ILE A 281 25.93 -9.57 -6.80
N GLU A 282 24.66 -9.94 -6.94
CA GLU A 282 23.57 -8.98 -6.90
C GLU A 282 22.37 -9.52 -6.14
N ALA A 283 21.61 -8.60 -5.57
CA ALA A 283 20.36 -8.93 -4.87
C ALA A 283 19.34 -7.85 -5.17
N VAL A 284 18.11 -8.27 -5.45
CA VAL A 284 17.06 -7.36 -5.89
C VAL A 284 15.99 -7.20 -4.83
N ALA A 285 15.73 -5.94 -4.45
CA ALA A 285 14.62 -5.58 -3.59
C ALA A 285 13.58 -4.89 -4.44
N GLN A 286 12.32 -5.35 -4.34
CA GLN A 286 11.24 -4.79 -5.15
C GLN A 286 10.33 -3.88 -4.33
N ILE A 287 10.36 -2.60 -4.68
CA ILE A 287 9.44 -1.62 -4.11
C ILE A 287 8.12 -1.78 -4.84
N THR A 288 7.03 -1.89 -4.08
CA THR A 288 5.68 -2.01 -4.64
C THR A 288 4.81 -0.94 -4.02
N VAL A 289 4.07 -0.21 -4.87
CA VAL A 289 3.17 0.83 -4.39
C VAL A 289 1.78 0.23 -4.17
N LYS A 290 1.34 0.23 -2.91
CA LYS A 290 0.04 -0.34 -2.57
C LYS A 290 -1.02 0.19 -3.54
N SER A 291 -1.82 -0.73 -4.08
CA SER A 291 -2.80 -0.39 -5.10
C SER A 291 -4.22 -0.52 -4.54
N LEU A 292 -5.21 -0.20 -5.37
CA LEU A 292 -6.60 -0.41 -5.00
C LEU A 292 -6.85 -1.89 -4.78
N PRO A 293 -7.97 -2.24 -4.14
CA PRO A 293 -8.33 -3.65 -4.01
C PRO A 293 -8.79 -4.27 -5.32
N LYS A 294 -9.18 -5.53 -5.24
CA LYS A 294 -9.70 -6.29 -6.37
C LYS A 294 -11.17 -6.59 -6.12
N ALA A 295 -11.89 -6.93 -7.19
CA ALA A 295 -13.32 -7.24 -7.10
C ALA A 295 -13.56 -8.38 -6.10
N PRO A 296 -14.37 -8.14 -5.05
CA PRO A 296 -14.68 -9.14 -4.03
C PRO A 296 -15.19 -10.50 -4.50
N GLY A 297 -15.71 -10.59 -5.72
CA GLY A 297 -16.12 -11.87 -6.26
C GLY A 297 -17.54 -12.23 -5.87
N THR A 298 -18.29 -12.68 -6.87
CA THR A 298 -19.75 -12.75 -6.82
C THR A 298 -20.36 -13.16 -5.48
N PRO A 299 -21.26 -12.32 -4.94
CA PRO A 299 -21.94 -12.63 -3.69
C PRO A 299 -23.04 -13.67 -3.87
N MET A 300 -23.40 -14.32 -2.77
CA MET A 300 -24.41 -15.36 -2.77
C MET A 300 -25.50 -15.08 -1.74
N VAL A 301 -26.72 -15.45 -2.08
CA VAL A 301 -27.89 -15.21 -1.24
C VAL A 301 -28.03 -16.34 -0.25
N THR A 302 -28.25 -16.01 1.02
CA THR A 302 -28.62 -17.00 2.02
C THR A 302 -30.14 -16.94 2.20
N GLU A 303 -30.63 -15.86 2.81
CA GLU A 303 -32.06 -15.70 3.10
C GLU A 303 -32.77 -14.72 2.16
N ASN A 304 -34.10 -14.82 2.15
CA ASN A 304 -35.00 -13.83 1.52
C ASN A 304 -36.11 -13.52 2.51
N THR A 305 -36.68 -12.34 2.42
CA THR A 305 -37.96 -12.04 3.06
C THR A 305 -38.75 -11.12 2.14
N ALA A 306 -39.99 -10.81 2.52
CA ALA A 306 -40.76 -9.81 1.82
C ALA A 306 -39.94 -8.54 1.61
N THR A 307 -39.30 -8.07 2.68
CA THR A 307 -38.64 -6.77 2.66
C THR A 307 -37.11 -6.81 2.71
N SER A 308 -36.50 -7.99 2.69
CA SER A 308 -35.04 -8.06 2.83
C SER A 308 -34.38 -9.18 2.06
N ILE A 309 -33.16 -8.93 1.62
CA ILE A 309 -32.26 -9.95 1.10
C ILE A 309 -31.01 -9.88 1.95
N THR A 310 -30.39 -11.03 2.21
CA THR A 310 -29.13 -11.05 2.94
C THR A 310 -28.15 -12.00 2.28
N ILE A 311 -26.90 -11.56 2.16
CA ILE A 311 -25.91 -12.20 1.32
C ILE A 311 -24.54 -12.32 2.00
N THR A 312 -23.72 -13.25 1.53
CA THR A 312 -22.32 -13.34 1.94
C THR A 312 -21.44 -13.39 0.70
N TRP A 313 -20.18 -13.00 0.86
CA TRP A 313 -19.25 -12.89 -0.26
C TRP A 313 -17.80 -13.10 0.17
N ASP A 314 -16.99 -13.61 -0.75
CA ASP A 314 -15.58 -13.85 -0.49
C ASP A 314 -14.82 -12.53 -0.54
N SER A 315 -13.78 -12.40 0.28
CA SER A 315 -12.95 -11.20 0.31
C SER A 315 -12.45 -10.76 -1.07
N GLY A 316 -12.00 -11.73 -1.86
CA GLY A 316 -11.48 -11.46 -3.20
C GLY A 316 -10.09 -10.84 -3.22
N ASN A 317 -9.48 -10.70 -2.04
CA ASN A 317 -8.23 -9.97 -1.88
C ASN A 317 -7.24 -10.70 -0.99
N PRO A 318 -5.95 -10.76 -1.42
CA PRO A 318 -4.93 -11.37 -0.58
C PRO A 318 -4.63 -10.53 0.66
N ASP A 319 -4.54 -9.22 0.52
CA ASP A 319 -4.37 -8.33 1.66
C ASP A 319 -5.73 -8.13 2.33
N PRO A 320 -5.73 -7.77 3.63
CA PRO A 320 -7.00 -7.42 4.26
C PRO A 320 -7.59 -6.11 3.70
N VAL A 321 -8.82 -5.81 4.13
CA VAL A 321 -9.65 -4.77 3.51
C VAL A 321 -10.40 -3.98 4.59
N SER A 322 -10.31 -2.66 4.55
CA SER A 322 -10.94 -1.79 5.56
C SER A 322 -12.41 -2.12 5.71
N TYR A 323 -13.17 -1.98 4.63
CA TYR A 323 -14.62 -2.26 4.63
C TYR A 323 -15.16 -2.48 3.21
N TYR A 324 -16.44 -2.82 3.13
CA TYR A 324 -17.11 -3.13 1.87
C TYR A 324 -18.24 -2.16 1.55
N VAL A 325 -18.54 -2.04 0.25
CA VAL A 325 -19.60 -1.18 -0.26
C VAL A 325 -20.53 -1.97 -1.18
N ILE A 326 -21.77 -2.13 -0.75
CA ILE A 326 -22.80 -2.76 -1.57
C ILE A 326 -23.53 -1.72 -2.40
N GLU A 327 -23.69 -2.01 -3.69
CA GLU A 327 -24.53 -1.20 -4.58
C GLU A 327 -25.58 -2.11 -5.20
N TYR A 328 -26.84 -1.67 -5.23
CA TYR A 328 -27.92 -2.49 -5.78
C TYR A 328 -29.02 -1.65 -6.40
N LYS A 329 -29.81 -2.27 -7.27
CA LYS A 329 -30.98 -1.63 -7.85
C LYS A 329 -32.07 -2.64 -8.14
N SER A 330 -33.29 -2.15 -8.28
CA SER A 330 -34.43 -2.98 -8.65
C SER A 330 -34.37 -3.23 -10.14
N LYS A 331 -34.22 -4.49 -10.52
CA LYS A 331 -34.21 -4.86 -11.93
C LYS A 331 -35.62 -4.67 -12.49
N SER A 332 -36.61 -5.03 -11.67
CA SER A 332 -38.03 -4.79 -11.98
C SER A 332 -38.24 -3.41 -12.59
N GLN A 333 -38.02 -2.37 -11.82
CA GLN A 333 -38.23 -0.98 -12.27
C GLN A 333 -36.87 -0.27 -12.36
N ASP A 334 -36.15 -0.54 -13.43
CA ASP A 334 -34.75 -0.10 -13.57
C ASP A 334 -34.42 1.24 -12.90
N GLY A 335 -33.33 1.26 -12.13
CA GLY A 335 -32.91 2.42 -11.33
C GLY A 335 -33.71 2.56 -10.04
N PRO A 336 -33.22 3.31 -9.06
CA PRO A 336 -31.91 3.92 -9.05
C PRO A 336 -30.97 3.06 -8.22
N TYR A 337 -29.70 3.43 -8.18
CA TYR A 337 -28.72 2.69 -7.39
C TYR A 337 -28.76 3.06 -5.93
N GLN A 338 -28.71 2.07 -5.06
CA GLN A 338 -28.66 2.27 -3.62
C GLN A 338 -27.30 1.84 -3.10
N ILE A 339 -26.77 2.58 -2.13
CA ILE A 339 -25.46 2.29 -1.57
C ILE A 339 -25.56 1.94 -0.09
N LYS A 340 -24.67 1.07 0.37
CA LYS A 340 -24.45 0.83 1.79
C LYS A 340 -22.95 0.85 1.98
N GLU A 341 -22.45 1.82 2.74
CA GLU A 341 -21.01 1.97 2.95
C GLU A 341 -20.61 1.33 4.26
N ASP A 342 -19.31 1.44 4.58
CA ASP A 342 -18.78 1.06 5.89
C ASP A 342 -19.27 -0.29 6.42
N ILE A 343 -19.37 -1.29 5.54
CA ILE A 343 -19.71 -2.64 5.95
C ILE A 343 -18.42 -3.36 6.34
N THR A 344 -18.34 -3.81 7.59
CA THR A 344 -17.13 -4.45 8.11
C THR A 344 -17.32 -5.94 8.38
N THR A 345 -17.96 -6.65 7.45
CA THR A 345 -18.09 -8.11 7.50
C THR A 345 -18.24 -8.61 6.07
N THR A 346 -18.15 -9.93 5.89
CA THR A 346 -18.42 -10.56 4.59
C THR A 346 -19.86 -11.09 4.52
N ARG A 347 -20.74 -10.47 5.31
CA ARG A 347 -22.13 -10.87 5.44
C ARG A 347 -22.94 -9.59 5.67
N TYR A 348 -24.04 -9.43 4.93
CA TYR A 348 -24.90 -8.26 5.11
C TYR A 348 -26.35 -8.53 4.69
N SER A 349 -27.26 -7.90 5.41
CA SER A 349 -28.69 -7.99 5.14
C SER A 349 -29.22 -6.67 4.61
N ILE A 350 -29.60 -6.66 3.33
CA ILE A 350 -30.17 -5.48 2.71
C ILE A 350 -31.65 -5.45 3.05
N GLY A 351 -32.06 -4.48 3.85
CA GLY A 351 -33.45 -4.40 4.30
C GLY A 351 -34.13 -3.21 3.65
N GLY A 352 -35.40 -3.02 4.01
CA GLY A 352 -36.21 -1.93 3.47
C GLY A 352 -36.49 -2.08 1.99
N LEU A 353 -36.52 -3.32 1.51
CA LEU A 353 -36.86 -3.61 0.14
C LEU A 353 -38.36 -3.70 0.03
N SER A 354 -38.85 -3.85 -1.20
CA SER A 354 -40.28 -4.05 -1.43
C SER A 354 -40.52 -5.48 -1.91
N PRO A 355 -41.64 -6.09 -1.48
CA PRO A 355 -41.88 -7.51 -1.72
C PRO A 355 -42.08 -7.86 -3.17
N ASN A 356 -41.72 -9.09 -3.54
CA ASN A 356 -41.95 -9.63 -4.86
C ASN A 356 -41.29 -8.81 -5.97
N SER A 357 -40.11 -8.28 -5.66
CA SER A 357 -39.34 -7.51 -6.63
C SER A 357 -37.99 -8.19 -6.76
N GLU A 358 -37.35 -8.06 -7.92
CA GLU A 358 -36.02 -8.64 -8.08
C GLU A 358 -34.96 -7.55 -8.24
N TYR A 359 -33.87 -7.72 -7.49
CA TYR A 359 -32.79 -6.74 -7.41
C TYR A 359 -31.48 -7.32 -7.87
N GLU A 360 -30.73 -6.58 -8.69
CA GLU A 360 -29.37 -6.96 -9.04
C GLU A 360 -28.42 -6.33 -8.03
N ILE A 361 -27.51 -7.13 -7.47
CA ILE A 361 -26.63 -6.68 -6.38
C ILE A 361 -25.16 -6.93 -6.69
N TRP A 362 -24.33 -5.93 -6.43
CA TRP A 362 -22.88 -6.03 -6.55
C TRP A 362 -22.20 -5.77 -5.21
N VAL A 363 -20.89 -6.01 -5.16
CA VAL A 363 -20.07 -5.71 -3.97
C VAL A 363 -18.71 -5.16 -4.39
N SER A 364 -18.27 -4.12 -3.68
CA SER A 364 -16.94 -3.54 -3.86
C SER A 364 -16.21 -3.49 -2.52
N ALA A 365 -14.88 -3.41 -2.58
CA ALA A 365 -14.04 -3.45 -1.39
C ALA A 365 -13.23 -2.16 -1.29
N VAL A 366 -12.98 -1.71 -0.06
CA VAL A 366 -12.22 -0.48 0.16
C VAL A 366 -11.02 -0.73 1.05
N ASN A 367 -9.87 -0.21 0.65
CA ASN A 367 -8.68 -0.21 1.50
C ASN A 367 -8.15 1.21 1.64
N SER A 368 -6.96 1.36 2.19
CA SER A 368 -6.36 2.67 2.44
C SER A 368 -6.04 3.49 1.18
N ILE A 369 -6.02 2.86 0.01
CA ILE A 369 -5.81 3.59 -1.25
C ILE A 369 -7.14 4.07 -1.84
N GLY A 370 -8.20 3.30 -1.63
CA GLY A 370 -9.51 3.66 -2.14
C GLY A 370 -10.41 2.46 -2.33
N GLN A 371 -11.39 2.63 -3.21
CA GLN A 371 -12.40 1.61 -3.48
C GLN A 371 -12.11 0.92 -4.80
N GLY A 372 -12.11 -0.41 -4.77
CA GLY A 372 -11.76 -1.21 -5.93
C GLY A 372 -12.90 -1.36 -6.90
N PRO A 373 -12.74 -2.21 -7.92
CA PRO A 373 -13.83 -2.46 -8.83
C PRO A 373 -14.88 -3.34 -8.16
N PRO A 374 -16.03 -3.53 -8.81
CA PRO A 374 -17.11 -4.28 -8.21
C PRO A 374 -17.09 -5.76 -8.58
N SER A 375 -17.82 -6.57 -7.83
CA SER A 375 -17.96 -7.99 -8.13
C SER A 375 -18.82 -8.20 -9.36
N GLU A 376 -19.00 -9.45 -9.76
CA GLU A 376 -20.09 -9.80 -10.67
C GLU A 376 -21.34 -9.79 -9.82
N SER A 377 -22.50 -9.57 -10.42
CA SER A 377 -23.69 -9.34 -9.64
C SER A 377 -24.41 -10.63 -9.29
N VAL A 378 -25.39 -10.51 -8.40
CA VAL A 378 -26.32 -11.60 -8.15
C VAL A 378 -27.75 -11.03 -8.17
N VAL A 379 -28.57 -11.55 -9.07
CA VAL A 379 -29.98 -11.17 -9.14
C VAL A 379 -30.77 -12.08 -8.24
N THR A 380 -31.76 -11.55 -7.54
CA THR A 380 -32.60 -12.35 -6.67
C THR A 380 -33.87 -11.60 -6.34
N ARG A 381 -34.87 -12.34 -5.87
CA ARG A 381 -36.21 -11.82 -5.71
C ARG A 381 -36.65 -11.87 -4.25
N THR A 382 -37.31 -10.81 -3.80
CA THR A 382 -37.87 -10.79 -2.45
C THR A 382 -39.16 -11.62 -2.39
N GLY A 383 -39.50 -12.07 -1.19
CA GLY A 383 -40.67 -12.93 -0.99
C GLY A 383 -42.01 -12.22 -1.14
N GLU A 384 -43.08 -13.00 -1.08
CA GLU A 384 -44.43 -12.47 -1.27
C GLU A 384 -44.98 -11.82 0.00
N GLN A 385 -46.12 -11.18 -0.13
CA GLN A 385 -46.81 -10.55 0.99
C GLN A 385 -48.27 -10.40 0.61
N ALA A 386 -49.13 -10.11 1.57
CA ALA A 386 -50.51 -9.81 1.25
C ALA A 386 -50.54 -8.46 0.53
N PRO A 387 -51.50 -8.27 -0.38
CA PRO A 387 -51.52 -7.00 -1.11
C PRO A 387 -51.71 -5.79 -0.21
N ALA A 388 -51.06 -4.70 -0.57
CA ALA A 388 -51.20 -3.44 0.15
C ALA A 388 -52.36 -2.60 -0.38
N SER A 389 -53.05 -3.06 -1.43
CA SER A 389 -54.12 -2.27 -2.04
C SER A 389 -55.29 -3.11 -2.55
N ALA A 390 -56.39 -2.43 -2.82
CA ALA A 390 -57.63 -3.08 -3.23
C ALA A 390 -57.79 -3.06 -4.74
N PRO A 391 -58.54 -4.04 -5.29
CA PRO A 391 -59.00 -3.96 -6.66
C PRO A 391 -59.50 -2.57 -6.98
N ARG A 392 -59.40 -2.17 -8.24
CA ARG A 392 -59.75 -0.82 -8.66
C ARG A 392 -60.93 -0.79 -9.61
N ASN A 393 -61.45 0.40 -9.86
CA ASN A 393 -62.61 0.61 -10.72
C ASN A 393 -63.65 -0.51 -10.63
N VAL A 394 -63.99 -0.89 -9.40
CA VAL A 394 -64.94 -1.95 -9.17
C VAL A 394 -66.30 -1.49 -9.68
N GLN A 395 -66.91 -2.36 -10.48
CA GLN A 395 -68.17 -2.05 -11.16
C GLN A 395 -69.12 -3.22 -11.05
N ALA A 396 -70.42 -2.92 -11.14
CA ALA A 396 -71.44 -3.94 -11.12
C ALA A 396 -72.65 -3.49 -11.90
N ARG A 397 -73.23 -4.39 -12.67
CA ARG A 397 -74.54 -4.16 -13.27
C ARG A 397 -75.32 -5.47 -13.28
N MET A 398 -76.60 -5.36 -13.63
CA MET A 398 -77.50 -6.50 -13.66
C MET A 398 -77.55 -7.05 -15.07
N LEU A 399 -77.49 -8.37 -15.18
CA LEU A 399 -77.71 -9.06 -16.45
C LEU A 399 -79.19 -9.40 -16.58
N SER A 400 -79.74 -9.96 -15.51
CA SER A 400 -81.15 -10.25 -15.39
C SER A 400 -81.70 -9.52 -14.18
N ALA A 401 -82.99 -9.72 -13.90
CA ALA A 401 -83.58 -9.14 -12.69
C ALA A 401 -83.01 -9.72 -11.39
N THR A 402 -82.29 -10.84 -11.47
CA THR A 402 -81.80 -11.52 -10.27
C THR A 402 -80.29 -11.81 -10.24
N THR A 403 -79.55 -11.44 -11.27
CA THR A 403 -78.09 -11.69 -11.31
C THR A 403 -77.29 -10.47 -11.72
N MET A 404 -76.11 -10.36 -11.12
CA MET A 404 -75.27 -9.18 -11.18
C MET A 404 -73.90 -9.60 -11.68
N ILE A 405 -73.33 -8.84 -12.61
CA ILE A 405 -71.97 -9.08 -13.08
C ILE A 405 -71.04 -8.02 -12.50
N VAL A 406 -69.97 -8.47 -11.84
CA VAL A 406 -68.98 -7.55 -11.26
C VAL A 406 -67.60 -7.72 -11.88
N GLN A 407 -66.89 -6.61 -12.04
CA GLN A 407 -65.55 -6.62 -12.61
C GLN A 407 -64.70 -5.50 -12.03
N TRP A 408 -63.40 -5.68 -12.14
CA TRP A 408 -62.45 -4.83 -11.48
C TRP A 408 -61.07 -4.97 -12.10
N GLU A 409 -60.23 -3.98 -11.84
CA GLU A 409 -58.84 -4.02 -12.27
C GLU A 409 -57.99 -4.51 -11.11
N GLU A 410 -56.94 -5.26 -11.41
CA GLU A 410 -56.06 -5.79 -10.38
C GLU A 410 -55.35 -4.66 -9.65
N PRO A 411 -55.03 -4.86 -8.36
CA PRO A 411 -54.52 -3.78 -7.52
C PRO A 411 -53.08 -3.40 -7.84
N VAL A 412 -52.77 -2.10 -7.74
CA VAL A 412 -51.44 -1.58 -8.08
C VAL A 412 -50.31 -2.12 -7.22
N GLU A 413 -50.62 -2.58 -6.01
CA GLU A 413 -49.61 -2.99 -5.05
C GLU A 413 -49.91 -4.39 -4.51
N PRO A 414 -49.73 -5.42 -5.34
CA PRO A 414 -50.11 -6.79 -4.99
C PRO A 414 -49.13 -7.51 -4.06
N ASN A 415 -47.86 -7.11 -4.09
CA ASN A 415 -46.81 -7.74 -3.29
C ASN A 415 -46.67 -9.23 -3.53
N GLY A 416 -47.14 -9.71 -4.69
CA GLY A 416 -47.15 -11.14 -4.94
C GLY A 416 -47.98 -11.57 -6.13
N LEU A 417 -47.74 -12.81 -6.55
CA LEU A 417 -48.59 -13.48 -7.51
C LEU A 417 -49.99 -13.57 -6.89
N ILE A 418 -50.96 -12.98 -7.59
CA ILE A 418 -52.33 -12.93 -7.08
C ILE A 418 -53.05 -14.25 -7.37
N ARG A 419 -53.52 -14.89 -6.30
CA ARG A 419 -54.10 -16.22 -6.39
C ARG A 419 -55.60 -16.20 -6.57
N GLY A 420 -56.22 -15.02 -6.40
CA GLY A 420 -57.65 -14.88 -6.60
C GLY A 420 -58.21 -13.68 -5.87
N TYR A 421 -59.52 -13.49 -5.98
CA TYR A 421 -60.18 -12.39 -5.32
C TYR A 421 -61.30 -12.96 -4.46
N ARG A 422 -61.89 -12.11 -3.62
CA ARG A 422 -63.06 -12.48 -2.87
C ARG A 422 -64.04 -11.32 -2.90
N VAL A 423 -65.32 -11.65 -3.06
CA VAL A 423 -66.33 -10.64 -3.31
C VAL A 423 -67.37 -10.63 -2.19
N TYR A 424 -67.42 -9.53 -1.44
CA TYR A 424 -68.38 -9.35 -0.36
C TYR A 424 -69.53 -8.50 -0.87
N TYR A 425 -70.75 -8.89 -0.54
CA TYR A 425 -71.93 -8.14 -0.96
C TYR A 425 -73.10 -8.34 -0.02
N THR A 426 -73.97 -7.34 0.04
CA THR A 426 -75.14 -7.37 0.90
C THR A 426 -76.02 -6.15 0.64
N MET A 427 -77.26 -6.23 1.13
CA MET A 427 -78.17 -5.09 1.08
C MET A 427 -78.58 -4.64 2.48
N GLU A 428 -77.71 -4.94 3.45
CA GLU A 428 -77.76 -4.35 4.79
C GLU A 428 -76.31 -4.05 5.16
N PRO A 429 -75.72 -3.02 4.52
CA PRO A 429 -74.28 -2.73 4.65
C PRO A 429 -73.82 -2.27 6.03
N GLU A 430 -74.77 -1.95 6.92
CA GLU A 430 -74.42 -1.49 8.26
C GLU A 430 -73.79 -2.59 9.12
N HIS A 431 -74.03 -3.84 8.75
CA HIS A 431 -73.34 -4.97 9.38
C HIS A 431 -71.86 -4.89 9.09
N PRO A 432 -71.03 -5.52 9.93
CA PRO A 432 -69.62 -5.68 9.56
C PRO A 432 -69.47 -6.50 8.29
N VAL A 433 -68.46 -6.19 7.48
CA VAL A 433 -68.29 -6.86 6.19
C VAL A 433 -68.09 -8.37 6.31
N GLY A 434 -67.44 -8.81 7.37
CA GLY A 434 -67.25 -10.24 7.64
C GLY A 434 -68.54 -11.04 7.78
N ASN A 435 -69.64 -10.37 8.10
CA ASN A 435 -70.97 -11.01 8.13
C ASN A 435 -71.67 -11.02 6.78
N TRP A 436 -71.18 -10.26 5.81
CA TRP A 436 -71.80 -10.16 4.48
C TRP A 436 -71.67 -11.51 3.75
N GLN A 437 -72.44 -11.67 2.68
CA GLN A 437 -72.27 -12.81 1.79
C GLN A 437 -70.97 -12.63 1.03
N LYS A 438 -70.22 -13.71 0.85
CA LYS A 438 -68.90 -13.64 0.27
C LYS A 438 -68.49 -14.96 -0.33
N HIS A 439 -67.78 -14.91 -1.46
CA HIS A 439 -67.25 -16.12 -2.09
C HIS A 439 -65.99 -15.83 -2.88
N ASN A 440 -65.21 -16.87 -3.12
CA ASN A 440 -63.92 -16.74 -3.80
C ASN A 440 -63.99 -16.75 -5.32
N VAL A 441 -62.88 -16.32 -5.92
CA VAL A 441 -62.73 -16.18 -7.36
C VAL A 441 -61.28 -16.52 -7.70
N ASP A 442 -61.02 -16.83 -8.96
CA ASP A 442 -59.65 -17.02 -9.45
C ASP A 442 -59.08 -15.69 -9.94
N ASP A 443 -57.80 -15.72 -10.33
CA ASP A 443 -57.07 -14.51 -10.77
C ASP A 443 -57.77 -13.69 -11.86
N SER A 444 -58.80 -14.23 -12.51
CA SER A 444 -59.58 -13.46 -13.49
C SER A 444 -60.18 -12.19 -12.89
N LEU A 445 -60.55 -11.25 -13.75
CA LEU A 445 -60.97 -9.91 -13.34
C LEU A 445 -62.46 -9.65 -13.52
N LEU A 446 -63.28 -10.68 -13.32
CA LEU A 446 -64.72 -10.55 -13.56
C LEU A 446 -65.47 -11.81 -13.11
N THR A 447 -66.57 -11.62 -12.37
CA THR A 447 -67.49 -12.74 -12.07
C THR A 447 -68.96 -12.31 -12.02
N THR A 448 -69.82 -13.30 -11.82
CA THR A 448 -71.25 -13.09 -11.69
C THR A 448 -71.74 -13.65 -10.37
N VAL A 449 -72.87 -13.13 -9.90
CA VAL A 449 -73.63 -13.74 -8.81
C VAL A 449 -75.12 -13.58 -9.05
N GLY A 450 -75.86 -14.65 -8.75
CA GLY A 450 -77.31 -14.65 -8.88
C GLY A 450 -77.99 -14.81 -7.54
N SER A 451 -79.27 -15.18 -7.55
CA SER A 451 -80.05 -15.35 -6.34
C SER A 451 -80.19 -14.03 -5.57
N LEU A 452 -80.34 -12.94 -6.30
CA LEU A 452 -80.50 -11.62 -5.70
C LEU A 452 -81.97 -11.23 -5.67
N LEU A 453 -82.37 -10.53 -4.62
CA LEU A 453 -83.75 -10.08 -4.47
C LEU A 453 -84.03 -8.94 -5.43
N GLU A 454 -85.17 -9.01 -6.09
CA GLU A 454 -85.54 -8.07 -7.14
C GLU A 454 -85.93 -6.71 -6.54
N ASP A 455 -85.63 -5.64 -7.27
CA ASP A 455 -85.86 -4.25 -6.81
C ASP A 455 -85.28 -3.99 -5.41
N GLU A 456 -83.95 -4.00 -5.33
CA GLU A 456 -83.22 -3.77 -4.07
C GLU A 456 -82.02 -2.87 -4.36
N THR A 457 -81.14 -2.71 -3.37
CA THR A 457 -79.87 -2.04 -3.59
C THR A 457 -78.78 -2.74 -2.78
N TYR A 458 -77.95 -3.53 -3.48
CA TYR A 458 -76.84 -4.24 -2.87
C TYR A 458 -75.59 -3.37 -2.89
N THR A 459 -74.82 -3.36 -1.82
CA THR A 459 -73.48 -2.76 -1.85
C THR A 459 -72.46 -3.88 -2.00
N VAL A 460 -71.39 -3.61 -2.75
CA VAL A 460 -70.40 -4.63 -3.09
C VAL A 460 -68.99 -4.14 -2.77
N ARG A 461 -68.16 -5.04 -2.25
CA ARG A 461 -66.79 -4.72 -1.89
C ARG A 461 -65.91 -5.93 -2.13
N VAL A 462 -64.70 -5.69 -2.64
CA VAL A 462 -63.87 -6.75 -3.21
C VAL A 462 -62.45 -6.61 -2.71
N LEU A 463 -61.82 -7.75 -2.42
CA LEU A 463 -60.42 -7.77 -2.03
C LEU A 463 -59.66 -8.81 -2.83
N ALA A 464 -58.36 -8.60 -2.98
CA ALA A 464 -57.47 -9.56 -3.63
C ALA A 464 -56.70 -10.31 -2.58
N PHE A 465 -56.06 -11.40 -2.96
CA PHE A 465 -55.20 -12.13 -2.03
C PHE A 465 -54.10 -12.87 -2.74
N THR A 466 -53.15 -13.35 -1.96
CA THR A 466 -51.99 -14.06 -2.46
C THR A 466 -51.82 -15.31 -1.62
N SER A 467 -50.77 -16.07 -1.90
CA SER A 467 -50.38 -17.20 -1.06
C SER A 467 -50.32 -16.79 0.42
N VAL A 468 -49.89 -15.55 0.67
CA VAL A 468 -49.71 -15.06 2.04
C VAL A 468 -51.02 -14.71 2.74
N GLY A 469 -51.82 -13.83 2.13
CA GLY A 469 -53.07 -13.41 2.79
C GLY A 469 -53.85 -12.30 2.09
N ASP A 470 -54.91 -11.85 2.76
CA ASP A 470 -55.83 -10.87 2.19
C ASP A 470 -55.27 -9.47 2.04
N GLY A 471 -55.77 -8.75 1.06
CA GLY A 471 -55.53 -7.32 0.92
C GLY A 471 -56.74 -6.57 1.42
N PRO A 472 -56.71 -5.24 1.30
CA PRO A 472 -57.86 -4.43 1.73
C PRO A 472 -59.05 -4.52 0.80
N LEU A 473 -60.25 -4.36 1.34
CA LEU A 473 -61.44 -4.24 0.54
C LEU A 473 -61.41 -2.95 -0.26
N SER A 474 -62.02 -2.95 -1.44
CA SER A 474 -62.31 -1.73 -2.14
C SER A 474 -63.31 -0.92 -1.31
N ASP A 475 -63.47 0.35 -1.64
CA ASP A 475 -64.49 1.16 -0.98
C ASP A 475 -65.82 0.76 -1.58
N PRO A 476 -66.90 0.81 -0.77
CA PRO A 476 -68.20 0.32 -1.22
C PRO A 476 -68.72 0.96 -2.50
N ILE A 477 -68.96 0.13 -3.50
CA ILE A 477 -69.79 0.49 -4.64
C ILE A 477 -71.16 -0.08 -4.28
N GLN A 478 -72.21 0.39 -4.95
CA GLN A 478 -73.51 -0.22 -4.77
C GLN A 478 -74.34 -0.21 -6.05
N VAL A 479 -75.22 -1.21 -6.17
CA VAL A 479 -75.97 -1.44 -7.39
C VAL A 479 -77.43 -1.85 -7.11
N LYS A 480 -78.34 -1.26 -7.88
CA LYS A 480 -79.78 -1.49 -7.74
C LYS A 480 -80.25 -2.56 -8.74
N THR A 481 -81.00 -3.56 -8.23
CA THR A 481 -81.37 -4.74 -9.00
C THR A 481 -82.49 -4.51 -10.03
N GLN A 482 -83.19 -3.39 -9.91
CA GLN A 482 -84.01 -2.90 -11.02
C GLN A 482 -83.09 -2.70 -12.21
N GLN A 483 -83.50 -3.19 -13.37
CA GLN A 483 -82.69 -3.09 -14.58
C GLN A 483 -83.34 -2.14 -15.57
N GLY A 484 -82.51 -1.57 -16.45
CA GLY A 484 -82.92 -0.47 -17.31
C GLY A 484 -82.42 0.86 -16.79
N VAL A 485 -82.44 1.02 -15.47
CA VAL A 485 -81.85 2.19 -14.81
C VAL A 485 -80.32 2.12 -14.85
N PRO A 486 -79.65 3.28 -14.96
CA PRO A 486 -78.20 3.28 -15.12
C PRO A 486 -77.49 3.00 -13.80
N GLY A 487 -76.19 2.71 -13.90
CA GLY A 487 -75.39 2.39 -12.72
C GLY A 487 -75.11 3.58 -11.82
N GLN A 488 -74.52 3.30 -10.67
CA GLN A 488 -74.09 4.33 -9.73
C GLN A 488 -72.89 5.09 -10.33
N PRO A 489 -72.90 6.44 -10.30
CA PRO A 489 -71.77 7.20 -10.85
C PRO A 489 -70.41 6.85 -10.24
N MET A 490 -69.36 7.07 -11.03
CA MET A 490 -68.03 6.52 -10.78
C MET A 490 -67.04 7.59 -10.29
N ASN A 491 -66.37 7.30 -9.17
CA ASN A 491 -65.31 8.16 -8.63
C ASN A 491 -65.68 9.63 -8.54
N LEU A 492 -66.83 9.92 -7.90
CA LEU A 492 -67.29 11.29 -7.76
C LEU A 492 -66.31 12.08 -6.90
N ARG A 493 -65.71 13.08 -7.50
CA ARG A 493 -64.77 13.96 -6.81
C ARG A 493 -65.38 15.36 -6.73
N ALA A 494 -65.12 16.03 -5.63
CA ALA A 494 -65.53 17.42 -5.43
C ALA A 494 -64.31 18.21 -4.95
N GLU A 495 -64.08 19.38 -5.55
CA GLU A 495 -62.94 20.21 -5.19
C GLU A 495 -63.24 21.70 -5.35
N ALA A 496 -62.67 22.50 -4.45
CA ALA A 496 -63.02 23.91 -4.32
C ALA A 496 -62.54 24.74 -5.50
N ARG A 497 -63.48 25.41 -6.18
CA ARG A 497 -63.17 26.24 -7.34
C ARG A 497 -62.82 27.66 -6.90
N SER A 498 -63.65 28.23 -6.03
CA SER A 498 -63.47 29.59 -5.52
C SER A 498 -63.95 29.67 -4.06
N GLU A 499 -64.03 30.89 -3.53
CA GLU A 499 -64.58 31.11 -2.18
C GLU A 499 -66.10 30.92 -2.10
N THR A 500 -66.78 30.82 -3.25
CA THR A 500 -68.24 30.62 -3.25
C THR A 500 -68.68 29.53 -4.23
N SER A 501 -67.80 28.56 -4.49
CA SER A 501 -68.04 27.59 -5.56
C SER A 501 -67.29 26.27 -5.38
N ILE A 502 -67.92 25.19 -5.81
CA ILE A 502 -67.32 23.86 -5.78
C ILE A 502 -67.54 23.18 -7.15
N THR A 503 -66.50 22.52 -7.64
CA THR A 503 -66.54 21.80 -8.93
C THR A 503 -66.65 20.30 -8.70
N LEU A 504 -67.78 19.73 -9.10
CA LEU A 504 -68.00 18.29 -9.03
C LEU A 504 -67.55 17.63 -10.32
N SER A 505 -66.98 16.43 -10.22
CA SER A 505 -66.52 15.68 -11.40
C SER A 505 -66.58 14.18 -11.15
N TRP A 506 -66.75 13.40 -12.22
CA TRP A 506 -66.84 11.94 -12.12
C TRP A 506 -66.47 11.26 -13.44
N SER A 507 -66.24 9.95 -13.40
CA SER A 507 -65.81 9.19 -14.59
C SER A 507 -66.96 8.99 -15.58
N PRO A 508 -66.66 8.98 -16.90
CA PRO A 508 -67.71 8.83 -17.91
C PRO A 508 -68.41 7.46 -17.82
N PRO A 509 -69.75 7.44 -17.95
CA PRO A 509 -70.52 6.21 -17.72
C PRO A 509 -70.32 5.15 -18.80
N ARG A 510 -70.74 3.92 -18.49
CA ARG A 510 -70.54 2.77 -19.37
C ARG A 510 -71.83 2.43 -20.14
N GLN A 511 -71.78 2.64 -21.46
CA GLN A 511 -72.85 2.22 -22.39
C GLN A 511 -74.20 2.89 -22.17
N GLU A 512 -74.82 2.61 -21.03
CA GLU A 512 -76.11 3.20 -20.65
C GLU A 512 -76.34 4.62 -21.16
N SER A 513 -77.52 4.85 -21.74
CA SER A 513 -77.91 6.19 -22.18
C SER A 513 -78.65 6.91 -21.06
N ILE A 514 -77.98 7.89 -20.47
CA ILE A 514 -78.54 8.71 -19.39
C ILE A 514 -79.34 9.85 -20.03
N ILE A 515 -80.57 10.05 -19.57
CA ILE A 515 -81.38 11.20 -19.98
C ILE A 515 -80.82 12.45 -19.29
N LYS A 516 -80.88 12.47 -17.96
CA LYS A 516 -80.38 13.58 -17.16
C LYS A 516 -79.74 13.09 -15.85
N TYR A 517 -78.87 13.92 -15.28
CA TYR A 517 -78.28 13.63 -13.96
C TYR A 517 -79.13 14.27 -12.87
N GLU A 518 -79.20 13.61 -11.72
CA GLU A 518 -79.92 14.10 -10.56
C GLU A 518 -78.92 14.39 -9.45
N LEU A 519 -78.80 15.66 -9.09
CA LEU A 519 -77.89 16.10 -8.02
C LEU A 519 -78.69 16.57 -6.81
N LEU A 520 -78.26 16.13 -5.63
CA LEU A 520 -78.80 16.60 -4.36
C LEU A 520 -77.66 17.04 -3.46
N PHE A 521 -77.84 18.14 -2.76
CA PHE A 521 -76.83 18.61 -1.81
C PHE A 521 -77.42 19.50 -0.71
N ARG A 522 -76.65 19.67 0.36
CA ARG A 522 -77.07 20.53 1.47
C ARG A 522 -75.86 21.16 2.19
N GLU A 523 -76.13 22.29 2.86
CA GLU A 523 -75.11 23.00 3.63
C GLU A 523 -74.82 22.26 4.93
N GLY A 524 -73.59 21.76 5.06
CA GLY A 524 -73.18 21.00 6.24
C GLY A 524 -74.01 19.74 6.42
N ASP A 525 -74.42 19.48 7.67
CA ASP A 525 -75.22 18.30 8.00
C ASP A 525 -76.72 18.62 8.04
N HIS A 526 -77.08 19.82 8.50
CA HIS A 526 -78.46 20.16 8.84
C HIS A 526 -79.09 21.25 7.95
N GLY A 527 -78.57 21.40 6.74
CA GLY A 527 -79.05 22.43 5.82
C GLY A 527 -80.16 21.91 4.92
N ARG A 528 -80.88 22.82 4.27
CA ARG A 528 -81.93 22.45 3.33
C ARG A 528 -81.35 21.67 2.16
N GLU A 529 -82.06 20.63 1.73
CA GLU A 529 -81.62 19.82 0.61
C GLU A 529 -82.03 20.48 -0.71
N VAL A 530 -81.03 20.94 -1.46
CA VAL A 530 -81.26 21.52 -2.78
C VAL A 530 -81.17 20.39 -3.81
N GLY A 531 -81.94 20.52 -4.89
CA GLY A 531 -81.96 19.52 -5.95
C GLY A 531 -81.82 20.15 -7.32
N ARG A 532 -81.02 19.53 -8.18
CA ARG A 532 -80.75 20.07 -9.52
C ARG A 532 -80.64 18.96 -10.58
N THR A 533 -81.46 19.08 -11.62
CA THR A 533 -81.42 18.18 -12.77
C THR A 533 -80.73 18.88 -13.92
N PHE A 534 -79.87 18.16 -14.65
CA PHE A 534 -79.16 18.74 -15.79
C PHE A 534 -78.74 17.69 -16.82
N ASP A 535 -78.41 18.16 -18.02
CA ASP A 535 -78.08 17.28 -19.15
C ASP A 535 -76.73 16.59 -18.97
N PRO A 536 -76.57 15.38 -19.55
CA PRO A 536 -75.40 14.52 -19.26
C PRO A 536 -74.04 15.17 -19.53
N THR A 537 -73.19 15.18 -18.49
CA THR A 537 -71.79 15.60 -18.59
C THR A 537 -70.98 14.74 -17.60
N THR A 538 -69.67 14.98 -17.53
CA THR A 538 -68.83 14.34 -16.51
C THR A 538 -68.49 15.29 -15.35
N SER A 539 -68.91 16.55 -15.44
CA SER A 539 -68.68 17.53 -14.37
C SER A 539 -69.78 18.58 -14.29
N TYR A 540 -69.91 19.19 -13.11
CA TYR A 540 -70.90 20.23 -12.85
C TYR A 540 -70.33 21.18 -11.81
N VAL A 541 -70.52 22.49 -12.01
CA VAL A 541 -70.02 23.50 -11.09
C VAL A 541 -71.16 24.08 -10.25
N VAL A 542 -71.04 23.93 -8.93
CA VAL A 542 -72.04 24.44 -8.01
C VAL A 542 -71.72 25.89 -7.66
N GLU A 543 -72.67 26.79 -7.93
CA GLU A 543 -72.45 28.23 -7.78
C GLU A 543 -73.25 28.83 -6.62
N ASP A 544 -72.83 30.01 -6.20
CA ASP A 544 -73.46 30.79 -5.11
C ASP A 544 -73.51 29.99 -3.81
N LEU A 545 -72.35 29.82 -3.20
CA LEU A 545 -72.22 29.10 -1.93
C LEU A 545 -71.60 30.04 -0.90
N LYS A 546 -71.48 29.55 0.33
CA LYS A 546 -70.96 30.36 1.43
C LYS A 546 -69.47 30.15 1.61
N PRO A 547 -68.72 31.24 1.85
CA PRO A 547 -67.28 31.09 2.04
C PRO A 547 -66.93 30.24 3.26
N ASN A 548 -65.89 29.44 3.15
CA ASN A 548 -65.37 28.69 4.28
C ASN A 548 -66.44 27.87 5.02
N THR A 549 -67.38 27.28 4.27
CA THR A 549 -68.33 26.33 4.85
C THR A 549 -68.32 25.02 4.05
N GLU A 550 -68.89 23.98 4.65
CA GLU A 550 -68.88 22.64 4.08
C GLU A 550 -70.20 22.27 3.46
N TYR A 551 -70.14 21.55 2.34
CA TYR A 551 -71.32 21.04 1.66
C TYR A 551 -71.18 19.54 1.44
N ALA A 552 -72.32 18.84 1.41
CA ALA A 552 -72.36 17.41 1.16
C ALA A 552 -73.19 17.14 -0.09
N PHE A 553 -72.62 16.36 -1.02
CA PHE A 553 -73.24 16.08 -2.32
C PHE A 553 -73.44 14.58 -2.52
N ARG A 554 -74.47 14.21 -3.27
CA ARG A 554 -74.55 12.87 -3.86
C ARG A 554 -75.30 12.92 -5.19
N LEU A 555 -74.92 12.01 -6.09
CA LEU A 555 -75.29 12.09 -7.50
C LEU A 555 -75.88 10.77 -7.99
N ALA A 556 -76.85 10.87 -8.91
CA ALA A 556 -77.44 9.70 -9.54
C ALA A 556 -77.83 10.02 -10.98
N ALA A 557 -77.83 8.99 -11.82
CA ALA A 557 -78.18 9.14 -13.23
C ALA A 557 -79.60 8.65 -13.51
N ARG A 558 -80.23 9.19 -14.54
CA ARG A 558 -81.59 8.83 -14.92
C ARG A 558 -81.64 8.31 -16.36
N SER A 559 -82.24 7.14 -16.55
CA SER A 559 -82.51 6.58 -17.88
C SER A 559 -84.03 6.49 -18.06
N PRO A 560 -84.52 6.19 -19.28
CA PRO A 560 -85.97 6.11 -19.48
C PRO A 560 -86.71 5.21 -18.48
N GLN A 561 -86.11 4.09 -18.08
CA GLN A 561 -86.71 3.18 -17.10
C GLN A 561 -86.78 3.79 -15.71
N GLY A 562 -85.85 4.69 -15.38
CA GLY A 562 -85.93 5.44 -14.12
C GLY A 562 -84.60 5.91 -13.57
N LEU A 563 -84.58 6.16 -12.26
CA LEU A 563 -83.43 6.73 -11.56
C LEU A 563 -82.47 5.66 -11.07
N GLY A 564 -81.20 5.81 -11.43
CA GLY A 564 -80.15 4.90 -10.98
C GLY A 564 -79.77 5.13 -9.53
N ALA A 565 -78.87 4.31 -9.01
CA ALA A 565 -78.42 4.41 -7.63
C ALA A 565 -77.63 5.70 -7.42
N PHE A 566 -77.57 6.12 -6.15
CA PHE A 566 -76.86 7.34 -5.76
C PHE A 566 -75.44 7.01 -5.34
N THR A 567 -74.53 7.97 -5.53
CA THR A 567 -73.18 7.85 -4.99
C THR A 567 -73.24 7.88 -3.47
N PRO A 568 -72.14 7.46 -2.81
CA PRO A 568 -72.03 7.79 -1.39
C PRO A 568 -71.91 9.30 -1.24
N VAL A 569 -72.11 9.80 -0.03
CA VAL A 569 -72.05 11.24 0.21
C VAL A 569 -70.60 11.72 0.14
N VAL A 570 -70.34 12.61 -0.82
CA VAL A 570 -69.03 13.24 -0.98
C VAL A 570 -69.14 14.65 -0.42
N ARG A 571 -68.16 15.05 0.39
CA ARG A 571 -68.16 16.35 1.04
C ARG A 571 -66.96 17.19 0.61
N GLN A 572 -67.22 18.47 0.37
CA GLN A 572 -66.14 19.43 0.12
C GLN A 572 -66.58 20.81 0.58
N ARG A 573 -65.60 21.65 0.90
CA ARG A 573 -65.85 22.99 1.41
C ARG A 573 -65.29 24.05 0.47
N THR A 574 -65.91 25.23 0.46
CA THR A 574 -65.46 26.34 -0.37
C THR A 574 -64.17 26.89 0.22
N LEU A 575 -63.45 27.70 -0.54
CA LEU A 575 -62.14 28.20 -0.10
C LEU A 575 -62.24 29.05 1.18
N GLY A 576 -61.19 28.94 1.99
CA GLY A 576 -61.11 29.64 3.28
C GLY A 576 -60.13 28.97 4.22
#